data_9MI5
#
_entry.id   9MI5
#
_cell.length_a   60.657
_cell.length_b   55.591
_cell.length_c   81.056
_cell.angle_alpha   90.00
_cell.angle_beta   104.72
_cell.angle_gamma   90.00
#
_symmetry.space_group_name_H-M   'P 1 21 1'
#
loop_
_entity.id
_entity.type
_entity.pdbx_description
1 polymer 'Calmodulin-domain protein kinase 1'
2 non-polymer (3P)-5-amino-3-(7-ethoxyquinolin-3-yl)-1-(oxan-4-yl)-1H-pyrazole-4-carboxamide
3 non-polymer 'CALCIUM ION'
#
_entity_poly.entity_id   1
_entity_poly.type   'polypeptide(L)'
_entity_poly.pdbx_seq_one_letter_code
;MGSSHHHHHHSSGRENLYFQGHMGTFAERYNIVCMLGKGSFGEVLKCKDRITQQEYAVKVINKASAKNKDTSTILREVEL
LKKLDHPNIMKLFEILEDSSSFYIVGELYTGGELFDEIIKRKRFSEHDAARIIKQVFSGITYMHKHNIVHRDLKPENILL
ESKEKDCDIKIIDFGLSTCFQQNTKMKDRIGTAYYIAPEVLRGTYDEKCDVWSAGVILYILLSGTPPFYGKNEYDILKRV
ETGKYAFDLPQWRTISDDAKDLIRKMLTFHPSLRITATQCLEHPWIQKYSSETPTISDLPSLESAMTNIRQFQAEKKLAQ
AALLYMASKLTTLDETKQLTEIFRKLDTNNDGMLDRDELVRGYHEFMRLKGVDSNSLIQNEGSTIEDQIDSLMPLLDMDG
SGSIEYSEFIASAIDRTILLSRERMERAFKMFDKDGSGKISTKELFKLFSQADSSIQMEELESIIEQVDNNKDGEVDFNE
FVEMLQNFVRNE
;
_entity_poly.pdbx_strand_id   A
#
# COMPACT_ATOMS: atom_id res chain seq x y z
N GLY A 21 8.01 22.33 -27.29
CA GLY A 21 8.84 21.49 -28.11
C GLY A 21 10.10 21.05 -27.39
N HIS A 22 10.71 21.98 -26.66
CA HIS A 22 11.91 21.72 -25.89
C HIS A 22 11.62 21.38 -24.44
N MET A 23 10.51 20.69 -24.20
CA MET A 23 10.11 20.32 -22.86
C MET A 23 9.85 18.82 -22.83
N GLY A 24 10.37 18.18 -21.80
CA GLY A 24 10.23 16.74 -21.63
C GLY A 24 9.23 16.43 -20.53
N THR A 25 8.57 15.28 -20.66
CA THR A 25 7.60 14.87 -19.65
C THR A 25 8.23 14.86 -18.26
N PHE A 26 9.22 14.01 -18.06
CA PHE A 26 9.76 13.81 -16.72
C PHE A 26 10.64 14.97 -16.28
N ALA A 27 11.61 15.36 -17.12
CA ALA A 27 12.57 16.37 -16.72
C ALA A 27 11.93 17.73 -16.46
N GLU A 28 10.70 17.96 -16.89
CA GLU A 28 10.02 19.27 -16.68
C GLU A 28 9.36 19.30 -15.30
N ARG A 29 8.93 18.15 -14.77
CA ARG A 29 8.29 18.11 -13.46
C ARG A 29 9.23 17.67 -12.36
N TYR A 30 10.32 16.97 -12.70
CA TYR A 30 11.13 16.30 -11.69
C TYR A 30 12.60 16.56 -11.88
N ASN A 31 13.32 16.53 -10.76
CA ASN A 31 14.77 16.72 -10.69
C ASN A 31 15.34 15.53 -9.95
N ILE A 32 16.39 14.93 -10.51
CA ILE A 32 16.98 13.73 -9.92
C ILE A 32 17.94 14.15 -8.82
N VAL A 33 17.71 13.65 -7.61
CA VAL A 33 18.52 14.01 -6.44
C VAL A 33 19.69 13.04 -6.32
N CYS A 34 19.39 11.76 -6.16
CA CYS A 34 20.43 10.76 -5.96
C CYS A 34 19.92 9.43 -6.47
N MET A 35 20.76 8.40 -6.39
CA MET A 35 20.39 7.04 -6.77
C MET A 35 20.23 6.21 -5.51
N LEU A 36 19.07 5.57 -5.37
CA LEU A 36 18.75 4.77 -4.20
C LEU A 36 19.22 3.32 -4.32
N GLY A 37 19.46 2.84 -5.52
CA GLY A 37 19.88 1.47 -5.72
C GLY A 37 19.31 0.91 -7.00
N LYS A 38 19.57 -0.38 -7.22
CA LYS A 38 19.22 -1.05 -8.47
C LYS A 38 18.06 -2.01 -8.23
N GLY A 39 16.85 -1.59 -8.62
CA GLY A 39 15.77 -2.54 -8.76
C GLY A 39 16.09 -3.53 -9.86
N SER A 40 15.53 -4.73 -9.74
CA SER A 40 15.86 -5.78 -10.70
C SER A 40 15.45 -5.38 -12.11
N PHE A 41 14.30 -4.72 -12.26
CA PHE A 41 13.86 -4.29 -13.58
C PHE A 41 14.53 -3.02 -14.05
N GLY A 42 15.03 -2.19 -13.14
CA GLY A 42 15.68 -0.97 -13.55
C GLY A 42 16.22 -0.21 -12.35
N GLU A 43 16.90 0.88 -12.66
CA GLU A 43 17.45 1.73 -11.61
C GLU A 43 16.35 2.43 -10.83
N VAL A 44 16.60 2.66 -9.55
CA VAL A 44 15.68 3.37 -8.67
C VAL A 44 16.39 4.59 -8.12
N LEU A 45 15.78 5.76 -8.26
CA LEU A 45 16.37 7.01 -7.87
C LEU A 45 15.37 7.85 -7.08
N LYS A 46 15.88 8.79 -6.32
CA LYS A 46 15.06 9.77 -5.63
C LYS A 46 14.97 11.02 -6.49
N CYS A 47 13.76 11.54 -6.67
CA CYS A 47 13.52 12.70 -7.50
C CYS A 47 12.59 13.66 -6.77
N LYS A 48 12.69 14.94 -7.15
CA LYS A 48 11.96 16.02 -6.47
C LYS A 48 11.06 16.73 -7.46
N ASP A 49 9.83 17.00 -7.05
CA ASP A 49 8.93 17.83 -7.82
C ASP A 49 9.42 19.28 -7.80
N ARG A 50 9.60 19.86 -8.98
CA ARG A 50 10.26 21.16 -9.08
C ARG A 50 9.42 22.29 -8.49
N ILE A 51 8.12 22.09 -8.33
CA ILE A 51 7.24 23.12 -7.79
C ILE A 51 6.99 22.85 -6.31
N THR A 52 6.49 21.66 -6.00
CA THR A 52 6.04 21.36 -4.65
C THR A 52 7.18 20.98 -3.72
N GLN A 53 8.39 20.75 -4.25
CA GLN A 53 9.53 20.29 -3.47
C GLN A 53 9.24 18.99 -2.74
N GLN A 54 8.31 18.20 -3.26
CA GLN A 54 7.99 16.89 -2.69
C GLN A 54 8.87 15.83 -3.32
N GLU A 55 9.47 14.97 -2.49
CA GLU A 55 10.38 13.94 -2.98
C GLU A 55 9.62 12.65 -3.25
N TYR A 56 10.18 11.85 -4.16
CA TYR A 56 9.51 10.66 -4.66
C TYR A 56 10.57 9.63 -5.03
N ALA A 57 10.14 8.39 -5.23
CA ALA A 57 10.98 7.32 -5.73
C ALA A 57 10.52 6.96 -7.14
N VAL A 58 11.46 6.92 -8.08
CA VAL A 58 11.13 6.65 -9.48
C VAL A 58 11.99 5.50 -9.96
N LYS A 59 11.37 4.55 -10.65
CA LYS A 59 12.09 3.47 -11.30
C LYS A 59 12.23 3.82 -12.78
N VAL A 60 13.45 3.77 -13.28
CA VAL A 60 13.76 4.12 -14.67
C VAL A 60 14.05 2.82 -15.40
N ILE A 61 13.19 2.48 -16.35
CA ILE A 61 13.25 1.21 -17.07
C ILE A 61 13.62 1.51 -18.51
N ASN A 62 14.66 0.85 -19.00
CA ASN A 62 15.11 1.09 -20.37
C ASN A 62 14.20 0.35 -21.34
N LYS A 63 13.59 1.09 -22.27
CA LYS A 63 12.59 0.51 -23.15
C LYS A 63 13.21 -0.56 -24.06
N ALA A 64 14.37 -0.27 -24.63
CA ALA A 64 14.94 -1.18 -25.63
C ALA A 64 15.46 -2.46 -24.99
N SER A 65 16.17 -2.35 -23.88
CA SER A 65 16.75 -3.53 -23.25
C SER A 65 15.70 -4.37 -22.55
N ALA A 66 14.70 -3.74 -21.95
CA ALA A 66 13.85 -4.40 -20.97
C ALA A 66 12.50 -4.85 -21.51
N LYS A 67 12.05 -4.35 -22.66
CA LYS A 67 10.69 -4.59 -23.10
C LYS A 67 10.53 -5.97 -23.74
N ASN A 68 9.43 -6.64 -23.39
CA ASN A 68 9.02 -7.88 -24.03
C ASN A 68 7.71 -7.77 -24.79
N LYS A 69 6.84 -6.84 -24.42
CA LYS A 69 5.56 -6.63 -25.10
C LYS A 69 5.53 -5.23 -25.71
N ASP A 70 4.38 -4.89 -26.30
CA ASP A 70 4.17 -3.55 -26.84
C ASP A 70 4.06 -2.53 -25.71
N THR A 71 4.42 -1.28 -26.03
CA THR A 71 4.29 -0.21 -25.04
C THR A 71 2.85 -0.06 -24.58
N SER A 72 1.89 -0.39 -25.45
CA SER A 72 0.48 -0.31 -25.07
C SER A 72 0.15 -1.33 -23.98
N THR A 73 0.61 -2.57 -24.15
CA THR A 73 0.34 -3.58 -23.12
C THR A 73 0.93 -3.13 -21.79
N ILE A 74 2.17 -2.63 -21.81
CA ILE A 74 2.84 -2.23 -20.58
C ILE A 74 2.04 -1.16 -19.86
N LEU A 75 1.65 -0.09 -20.56
CA LEU A 75 0.95 1.00 -19.91
C LEU A 75 -0.40 0.56 -19.37
N ARG A 76 -1.05 -0.41 -20.02
CA ARG A 76 -2.29 -0.95 -19.50
C ARG A 76 -2.08 -1.64 -18.15
N GLU A 77 -1.00 -2.42 -18.03
CA GLU A 77 -0.71 -3.07 -16.76
C GLU A 77 -0.34 -2.06 -15.69
N VAL A 78 0.47 -1.06 -16.05
CA VAL A 78 0.89 -0.07 -15.07
C VAL A 78 -0.28 0.76 -14.59
N GLU A 79 -1.28 0.98 -15.46
CA GLU A 79 -2.49 1.66 -15.03
C GLU A 79 -3.21 0.85 -13.95
N LEU A 80 -3.26 -0.48 -14.11
CA LEU A 80 -3.88 -1.32 -13.09
C LEU A 80 -3.12 -1.24 -11.77
N LEU A 81 -1.79 -1.28 -11.83
CA LEU A 81 -0.99 -1.15 -10.61
C LEU A 81 -1.23 0.20 -9.94
N LYS A 82 -1.35 1.26 -10.75
CA LYS A 82 -1.49 2.60 -10.20
C LYS A 82 -2.75 2.77 -9.37
N LYS A 83 -3.78 1.94 -9.60
CA LYS A 83 -5.03 2.03 -8.87
C LYS A 83 -5.11 0.98 -7.75
N LEU A 84 -3.97 0.45 -7.32
CA LEU A 84 -3.92 -0.41 -6.13
C LEU A 84 -3.75 0.49 -4.92
N ASP A 85 -4.84 0.72 -4.19
CA ASP A 85 -4.86 1.61 -3.03
C ASP A 85 -4.98 0.74 -1.77
N HIS A 86 -3.84 0.36 -1.19
CA HIS A 86 -3.82 -0.44 0.04
C HIS A 86 -2.63 0.01 0.88
N PRO A 87 -2.82 0.16 2.20
CA PRO A 87 -1.73 0.70 3.02
C PRO A 87 -0.45 -0.11 2.98
N ASN A 88 -0.53 -1.41 2.71
CA ASN A 88 0.65 -2.27 2.74
C ASN A 88 1.18 -2.60 1.36
N ILE A 89 0.72 -1.90 0.34
CA ILE A 89 1.14 -2.14 -1.04
C ILE A 89 1.75 -0.85 -1.58
N MET A 90 2.86 -0.96 -2.31
CA MET A 90 3.54 0.23 -2.80
C MET A 90 2.59 1.07 -3.63
N LYS A 91 2.68 2.40 -3.45
CA LYS A 91 1.82 3.34 -4.15
C LYS A 91 2.55 3.88 -5.37
N LEU A 92 1.84 3.92 -6.49
CA LEU A 92 2.36 4.44 -7.76
C LEU A 92 1.48 5.62 -8.20
N PHE A 93 2.12 6.68 -8.68
CA PHE A 93 1.44 7.92 -9.01
C PHE A 93 1.24 8.12 -10.50
N GLU A 94 2.30 7.96 -11.30
CA GLU A 94 2.15 8.17 -12.72
C GLU A 94 3.24 7.44 -13.49
N ILE A 95 3.02 7.32 -14.79
CA ILE A 95 3.92 6.63 -15.69
C ILE A 95 4.23 7.60 -16.83
N LEU A 96 5.48 8.05 -16.90
CA LEU A 96 5.97 8.92 -17.95
C LEU A 96 6.97 8.16 -18.80
N GLU A 97 7.50 8.80 -19.83
CA GLU A 97 8.46 8.13 -20.70
C GLU A 97 9.12 9.15 -21.62
N ASP A 98 10.36 8.83 -22.01
CA ASP A 98 11.05 9.56 -23.08
C ASP A 98 11.58 8.54 -24.09
N SER A 99 12.44 8.99 -25.00
CA SER A 99 12.86 8.11 -26.10
C SER A 99 13.62 6.89 -25.61
N SER A 100 14.16 6.92 -24.39
CA SER A 100 15.01 5.84 -23.92
C SER A 100 14.43 5.03 -22.77
N SER A 101 13.44 5.57 -22.04
CA SER A 101 13.05 4.92 -20.80
C SER A 101 11.60 5.21 -20.44
N PHE A 102 11.08 4.36 -19.55
CA PHE A 102 9.87 4.64 -18.80
C PHE A 102 10.26 5.19 -17.43
N TYR A 103 9.49 6.15 -16.94
CA TYR A 103 9.65 6.68 -15.58
C TYR A 103 8.40 6.37 -14.81
N ILE A 104 8.52 5.53 -13.79
CA ILE A 104 7.40 5.17 -12.92
C ILE A 104 7.68 5.81 -11.57
N VAL A 105 6.85 6.80 -11.21
CA VAL A 105 7.06 7.58 -9.99
C VAL A 105 6.12 7.06 -8.91
N GLY A 106 6.64 6.87 -7.70
CA GLY A 106 5.87 6.30 -6.64
C GLY A 106 6.24 6.89 -5.30
N GLU A 107 5.49 6.47 -4.27
CA GLU A 107 5.75 6.95 -2.91
C GLU A 107 7.13 6.51 -2.45
N LEU A 108 7.79 7.39 -1.71
CA LEU A 108 9.13 7.14 -1.21
C LEU A 108 9.06 6.57 0.20
N TYR A 109 9.84 5.51 0.44
CA TYR A 109 9.88 4.82 1.72
C TYR A 109 11.33 4.76 2.18
N THR A 110 11.58 5.12 3.43
CA THR A 110 12.94 5.36 3.89
C THR A 110 13.41 4.42 5.00
N GLY A 111 12.59 3.48 5.44
CA GLY A 111 12.98 2.60 6.53
C GLY A 111 13.80 1.38 6.12
N GLY A 112 13.99 1.16 4.82
CA GLY A 112 14.76 0.03 4.36
C GLY A 112 13.96 -1.26 4.34
N GLU A 113 14.68 -2.34 4.04
CA GLU A 113 14.07 -3.66 3.93
C GLU A 113 13.77 -4.26 5.29
N LEU A 114 12.69 -5.06 5.33
CA LEU A 114 12.37 -5.81 6.54
C LEU A 114 13.44 -6.83 6.89
N PHE A 115 14.19 -7.28 5.88
CA PHE A 115 15.27 -8.23 6.12
C PHE A 115 16.25 -7.68 7.15
N ASP A 116 16.56 -6.38 7.08
CA ASP A 116 17.51 -5.80 8.01
C ASP A 116 16.92 -5.69 9.42
N GLU A 117 15.62 -5.43 9.54
CA GLU A 117 15.01 -5.43 10.85
C GLU A 117 15.17 -6.79 11.52
N ILE A 118 15.20 -7.87 10.73
CA ILE A 118 15.36 -9.20 11.30
C ILE A 118 16.79 -9.41 11.77
N ILE A 119 17.78 -8.84 11.07
CA ILE A 119 19.15 -9.00 11.52
C ILE A 119 19.35 -8.36 12.88
N LYS A 120 18.68 -7.24 13.13
CA LYS A 120 18.87 -6.49 14.36
C LYS A 120 18.17 -7.15 15.54
N ARG A 121 16.86 -7.38 15.43
CA ARG A 121 16.12 -7.98 16.53
C ARG A 121 16.36 -9.48 16.63
N LYS A 122 16.60 -10.14 15.49
CA LYS A 122 17.03 -11.54 15.41
C LYS A 122 15.92 -12.52 15.76
N ARG A 123 14.83 -12.02 16.34
CA ARG A 123 13.54 -12.70 16.37
C ARG A 123 12.59 -11.83 17.18
N PHE A 124 11.31 -12.18 17.13
CA PHE A 124 10.24 -11.30 17.57
C PHE A 124 9.30 -12.03 18.50
N SER A 125 8.73 -11.30 19.46
CA SER A 125 7.68 -11.87 20.29
C SER A 125 6.47 -12.22 19.41
N GLU A 126 5.50 -12.91 20.01
CA GLU A 126 4.26 -13.17 19.30
C GLU A 126 3.43 -11.90 19.13
N HIS A 127 3.61 -10.92 20.00
CA HIS A 127 2.93 -9.63 19.82
C HIS A 127 3.55 -8.84 18.68
N ASP A 128 4.88 -8.83 18.58
CA ASP A 128 5.55 -8.05 17.55
C ASP A 128 5.40 -8.69 16.18
N ALA A 129 5.54 -10.02 16.10
CA ALA A 129 5.45 -10.69 14.81
C ALA A 129 4.02 -10.63 14.27
N ALA A 130 3.03 -10.53 15.15
CA ALA A 130 1.64 -10.47 14.69
C ALA A 130 1.31 -9.14 14.02
N ARG A 131 1.79 -8.03 14.59
CA ARG A 131 1.57 -6.74 13.96
C ARG A 131 2.20 -6.70 12.58
N ILE A 132 3.42 -7.23 12.45
CA ILE A 132 4.09 -7.28 11.16
C ILE A 132 3.32 -8.16 10.20
N ILE A 133 3.07 -9.41 10.59
CA ILE A 133 2.53 -10.39 9.66
C ILE A 133 1.11 -10.03 9.27
N LYS A 134 0.34 -9.46 10.18
CA LYS A 134 -1.02 -9.02 9.86
C LYS A 134 -1.01 -8.09 8.65
N GLN A 135 0.02 -7.25 8.54
CA GLN A 135 0.09 -6.33 7.40
C GLN A 135 0.44 -7.08 6.12
N VAL A 136 1.33 -8.07 6.20
CA VAL A 136 1.63 -8.87 5.01
C VAL A 136 0.39 -9.62 4.56
N PHE A 137 -0.37 -10.18 5.52
CA PHE A 137 -1.59 -10.88 5.17
C PHE A 137 -2.60 -9.95 4.52
N SER A 138 -2.71 -8.73 5.03
CA SER A 138 -3.65 -7.76 4.47
C SER A 138 -3.27 -7.41 3.04
N GLY A 139 -1.98 -7.19 2.78
CA GLY A 139 -1.57 -6.80 1.44
C GLY A 139 -1.68 -7.93 0.43
N ILE A 140 -1.27 -9.13 0.82
CA ILE A 140 -1.39 -10.28 -0.08
C ILE A 140 -2.85 -10.56 -0.37
N THR A 141 -3.71 -10.49 0.65
CA THR A 141 -5.13 -10.68 0.41
C THR A 141 -5.66 -9.67 -0.60
N TYR A 142 -5.27 -8.40 -0.45
CA TYR A 142 -5.68 -7.38 -1.40
C TYR A 142 -5.15 -7.67 -2.79
N MET A 143 -3.88 -8.07 -2.90
CA MET A 143 -3.29 -8.35 -4.20
C MET A 143 -4.05 -9.47 -4.91
N HIS A 144 -4.39 -10.53 -4.18
CA HIS A 144 -5.05 -11.67 -4.81
C HIS A 144 -6.45 -11.31 -5.26
N LYS A 145 -7.14 -10.44 -4.52
CA LYS A 145 -8.48 -10.02 -4.94
C LYS A 145 -8.44 -9.22 -6.23
N HIS A 146 -7.31 -8.57 -6.52
CA HIS A 146 -7.09 -7.89 -7.79
C HIS A 146 -6.27 -8.74 -8.76
N ASN A 147 -6.17 -10.05 -8.48
CA ASN A 147 -5.59 -11.02 -9.40
C ASN A 147 -4.13 -10.71 -9.71
N ILE A 148 -3.37 -10.49 -8.66
CA ILE A 148 -1.93 -10.30 -8.75
C ILE A 148 -1.27 -11.28 -7.81
N VAL A 149 -0.27 -12.01 -8.30
CA VAL A 149 0.48 -12.97 -7.50
C VAL A 149 1.92 -12.47 -7.44
N HIS A 150 2.43 -12.31 -6.21
CA HIS A 150 3.76 -11.74 -6.04
C HIS A 150 4.83 -12.61 -6.71
N ARG A 151 4.82 -13.92 -6.41
CA ARG A 151 5.68 -14.95 -6.95
C ARG A 151 7.08 -14.89 -6.33
N ASP A 152 7.45 -13.82 -5.60
CA ASP A 152 8.78 -13.71 -5.02
C ASP A 152 8.77 -13.09 -3.63
N LEU A 153 7.72 -13.34 -2.84
CA LEU A 153 7.55 -12.63 -1.57
C LEU A 153 8.61 -13.06 -0.56
N LYS A 154 9.35 -12.08 -0.04
CA LYS A 154 10.35 -12.34 0.99
C LYS A 154 10.60 -11.03 1.72
N PRO A 155 11.33 -11.10 2.86
CA PRO A 155 11.59 -9.85 3.61
C PRO A 155 12.32 -8.79 2.81
N GLU A 156 13.20 -9.19 1.89
CA GLU A 156 13.91 -8.22 1.07
C GLU A 156 12.96 -7.42 0.18
N ASN A 157 11.80 -7.97 -0.15
CA ASN A 157 10.80 -7.28 -0.96
C ASN A 157 9.70 -6.63 -0.12
N ILE A 158 9.97 -6.33 1.14
CA ILE A 158 9.06 -5.61 2.00
C ILE A 158 9.85 -4.45 2.60
N LEU A 159 9.37 -3.23 2.38
CA LEU A 159 10.04 -2.03 2.86
C LEU A 159 9.24 -1.40 3.99
N LEU A 160 9.95 -0.74 4.89
CA LEU A 160 9.32 0.04 5.96
C LEU A 160 9.20 1.49 5.49
N GLU A 161 8.04 2.10 5.76
CA GLU A 161 7.81 3.44 5.22
C GLU A 161 8.74 4.47 5.84
N SER A 162 9.11 4.30 7.10
CA SER A 162 9.97 5.27 7.77
C SER A 162 10.76 4.56 8.87
N LYS A 163 11.38 5.35 9.76
CA LYS A 163 12.16 4.81 10.87
C LYS A 163 11.40 4.83 12.20
N GLU A 164 10.14 5.26 12.20
CA GLU A 164 9.35 5.26 13.42
C GLU A 164 9.07 3.82 13.86
N LYS A 165 8.55 3.68 15.08
CA LYS A 165 8.46 2.37 15.69
C LYS A 165 7.45 1.49 14.97
N ASP A 166 6.16 1.86 14.99
CA ASP A 166 5.10 1.02 14.48
C ASP A 166 4.63 1.45 13.10
N CYS A 167 5.54 1.94 12.27
CA CYS A 167 5.18 2.36 10.92
C CYS A 167 4.74 1.16 10.08
N ASP A 168 3.88 1.44 9.11
CA ASP A 168 3.36 0.37 8.26
C ASP A 168 4.44 -0.16 7.32
N ILE A 169 4.26 -1.40 6.89
CA ILE A 169 5.16 -2.02 5.94
C ILE A 169 4.55 -1.90 4.55
N LYS A 170 5.38 -2.11 3.53
CA LYS A 170 4.99 -1.85 2.15
C LYS A 170 5.56 -2.94 1.26
N ILE A 171 4.69 -3.62 0.51
CA ILE A 171 5.11 -4.71 -0.36
C ILE A 171 5.46 -4.15 -1.73
N ILE A 172 6.61 -4.58 -2.27
CA ILE A 172 7.14 -4.05 -3.51
C ILE A 172 7.52 -5.22 -4.43
N ASP A 173 8.05 -4.87 -5.60
CA ASP A 173 8.68 -5.82 -6.53
C ASP A 173 7.69 -6.87 -7.01
N PHE A 174 6.61 -6.39 -7.61
CA PHE A 174 5.60 -7.26 -8.17
C PHE A 174 4.85 -6.53 -9.29
N GLY A 175 4.58 -7.25 -10.38
CA GLY A 175 3.72 -6.73 -11.41
C GLY A 175 4.26 -6.77 -12.82
N LEU A 176 5.57 -6.62 -12.97
CA LEU A 176 6.18 -6.43 -14.27
C LEU A 176 6.74 -7.71 -14.88
N SER A 177 6.54 -8.87 -14.24
CA SER A 177 7.18 -10.08 -14.73
C SER A 177 6.81 -10.35 -16.18
N THR A 178 5.54 -10.15 -16.54
CA THR A 178 5.10 -10.45 -17.90
C THR A 178 5.58 -9.41 -18.90
N CYS A 179 5.80 -8.18 -18.47
CA CYS A 179 6.01 -7.07 -19.40
C CYS A 179 7.49 -6.80 -19.69
N PHE A 180 8.32 -6.76 -18.65
CA PHE A 180 9.75 -6.45 -18.81
C PHE A 180 10.59 -7.71 -18.61
N GLN A 181 11.90 -7.56 -18.79
CA GLN A 181 12.86 -8.64 -18.59
C GLN A 181 13.99 -8.15 -17.70
N GLN A 182 14.44 -9.05 -16.83
CA GLN A 182 15.30 -8.70 -15.71
C GLN A 182 16.62 -9.47 -15.72
N GLY A 191 19.41 -16.31 -1.96
CA GLY A 191 18.53 -16.15 -0.82
C GLY A 191 17.10 -16.58 -1.07
N THR A 192 16.70 -16.61 -2.34
CA THR A 192 15.32 -16.91 -2.67
C THR A 192 14.92 -18.31 -2.23
N ALA A 193 15.89 -19.22 -2.10
CA ALA A 193 15.55 -20.63 -1.93
C ALA A 193 14.69 -20.87 -0.69
N TYR A 194 14.92 -20.12 0.38
CA TYR A 194 14.23 -20.39 1.64
C TYR A 194 12.72 -20.23 1.48
N TYR A 195 12.29 -19.26 0.69
CA TYR A 195 10.91 -18.79 0.74
C TYR A 195 10.01 -19.36 -0.33
N ILE A 196 10.53 -20.11 -1.30
CA ILE A 196 9.70 -20.56 -2.41
C ILE A 196 8.93 -21.82 -2.02
N ALA A 197 7.74 -21.97 -2.60
CA ALA A 197 6.92 -23.15 -2.38
C ALA A 197 7.40 -24.32 -3.24
N PRO A 198 7.09 -25.56 -2.83
CA PRO A 198 7.49 -26.71 -3.65
C PRO A 198 6.96 -26.65 -5.07
N GLU A 199 5.72 -26.20 -5.27
CA GLU A 199 5.14 -26.19 -6.61
C GLU A 199 5.85 -25.21 -7.53
N VAL A 200 6.57 -24.23 -6.97
CA VAL A 200 7.36 -23.32 -7.79
C VAL A 200 8.56 -24.04 -8.38
N LEU A 201 9.09 -25.04 -7.67
CA LEU A 201 10.15 -25.87 -8.22
C LEU A 201 9.69 -26.64 -9.45
N ARG A 202 8.38 -26.83 -9.61
CA ARG A 202 7.81 -27.64 -10.68
C ARG A 202 7.01 -26.78 -11.66
N GLY A 203 7.38 -25.52 -11.81
CA GLY A 203 6.75 -24.65 -12.77
C GLY A 203 5.28 -24.36 -12.54
N THR A 204 4.93 -23.95 -11.33
CA THR A 204 3.58 -23.49 -11.04
C THR A 204 3.65 -22.26 -10.14
N TYR A 205 3.05 -21.16 -10.59
CA TYR A 205 2.96 -19.93 -9.82
C TYR A 205 1.47 -19.60 -9.68
N ASP A 206 0.81 -20.16 -8.67
CA ASP A 206 -0.57 -19.83 -8.36
C ASP A 206 -0.60 -18.97 -7.10
N GLU A 207 -1.79 -18.49 -6.75
N GLU A 207 -1.80 -18.49 -6.75
CA GLU A 207 -1.93 -17.59 -5.61
CA GLU A 207 -1.91 -17.59 -5.61
C GLU A 207 -1.44 -18.21 -4.31
C GLU A 207 -1.38 -18.22 -4.33
N LYS A 208 -1.45 -19.55 -4.21
CA LYS A 208 -1.06 -20.19 -2.96
C LYS A 208 0.43 -20.05 -2.67
N CYS A 209 1.27 -20.00 -3.69
CA CYS A 209 2.71 -19.93 -3.44
C CYS A 209 3.05 -18.77 -2.52
N ASP A 210 2.31 -17.66 -2.61
CA ASP A 210 2.55 -16.54 -1.71
C ASP A 210 2.28 -16.91 -0.27
N VAL A 211 1.18 -17.63 -0.01
CA VAL A 211 0.86 -18.02 1.36
C VAL A 211 1.98 -18.88 1.94
N TRP A 212 2.63 -19.67 1.10
CA TRP A 212 3.78 -20.45 1.56
C TRP A 212 4.92 -19.54 1.99
N SER A 213 5.29 -18.59 1.13
CA SER A 213 6.40 -17.70 1.45
C SER A 213 6.10 -16.87 2.69
N ALA A 214 4.84 -16.48 2.88
CA ALA A 214 4.45 -15.76 4.08
C ALA A 214 4.62 -16.64 5.32
N GLY A 215 4.30 -17.93 5.20
CA GLY A 215 4.50 -18.84 6.31
C GLY A 215 5.96 -18.94 6.71
N VAL A 216 6.85 -19.01 5.71
CA VAL A 216 8.29 -19.06 6.00
C VAL A 216 8.72 -17.79 6.73
N ILE A 217 8.19 -16.65 6.30
CA ILE A 217 8.52 -15.39 6.96
C ILE A 217 8.11 -15.43 8.42
N LEU A 218 6.86 -15.84 8.68
CA LEU A 218 6.39 -15.91 10.06
C LEU A 218 7.19 -16.93 10.87
N TYR A 219 7.66 -18.01 10.23
CA TYR A 219 8.53 -18.96 10.92
C TYR A 219 9.85 -18.29 11.32
N ILE A 220 10.38 -17.42 10.47
CA ILE A 220 11.64 -16.75 10.78
C ILE A 220 11.44 -15.63 11.80
N LEU A 221 10.28 -14.98 11.81
CA LEU A 221 10.06 -13.92 12.80
C LEU A 221 10.05 -14.48 14.22
N LEU A 222 9.35 -15.60 14.43
CA LEU A 222 9.23 -16.16 15.77
C LEU A 222 10.48 -16.90 16.22
N SER A 223 11.20 -17.54 15.30
CA SER A 223 12.34 -18.37 15.67
C SER A 223 13.68 -17.81 15.26
N GLY A 224 13.75 -17.05 14.17
CA GLY A 224 15.02 -16.56 13.68
C GLY A 224 15.76 -17.54 12.78
N THR A 225 15.13 -18.64 12.39
CA THR A 225 15.73 -19.65 11.54
C THR A 225 14.80 -19.92 10.38
N PRO A 226 15.33 -20.31 9.22
CA PRO A 226 14.47 -20.80 8.14
C PRO A 226 13.92 -22.18 8.50
N PRO A 227 12.64 -22.43 8.21
CA PRO A 227 12.14 -23.80 8.42
C PRO A 227 12.90 -24.83 7.62
N PHE A 228 13.38 -24.46 6.44
CA PHE A 228 14.17 -25.33 5.57
C PHE A 228 15.57 -24.75 5.47
N TYR A 229 16.53 -25.42 6.10
CA TYR A 229 17.89 -24.93 6.20
C TYR A 229 18.86 -25.78 5.38
N ASN A 232 24.21 -26.53 1.74
CA ASN A 232 24.25 -25.94 0.41
C ASN A 232 22.85 -25.66 -0.11
N GLU A 233 22.75 -24.90 -1.20
CA GLU A 233 21.44 -24.63 -1.79
C GLU A 233 20.76 -25.91 -2.24
N TYR A 234 21.53 -26.90 -2.68
CA TYR A 234 20.94 -28.20 -3.00
C TYR A 234 20.28 -28.82 -1.78
N ASP A 235 20.88 -28.63 -0.60
CA ASP A 235 20.31 -29.17 0.62
C ASP A 235 19.08 -28.39 1.04
N ILE A 236 19.12 -27.06 0.96
CA ILE A 236 17.96 -26.25 1.31
C ILE A 236 16.79 -26.62 0.42
N LEU A 237 17.02 -26.69 -0.90
CA LEU A 237 15.97 -27.06 -1.82
C LEU A 237 15.51 -28.49 -1.58
N LYS A 238 16.43 -29.38 -1.19
CA LYS A 238 16.04 -30.76 -0.90
C LYS A 238 15.04 -30.82 0.24
N ARG A 239 15.26 -30.04 1.30
CA ARG A 239 14.30 -29.98 2.39
C ARG A 239 12.97 -29.41 1.91
N VAL A 240 13.01 -28.43 1.00
CA VAL A 240 11.78 -27.86 0.48
C VAL A 240 11.01 -28.90 -0.32
N GLU A 241 11.70 -29.67 -1.15
CA GLU A 241 10.99 -30.64 -2.00
C GLU A 241 10.27 -31.68 -1.17
N THR A 242 10.91 -32.20 -0.13
CA THR A 242 10.22 -33.11 0.78
C THR A 242 9.16 -32.37 1.58
N GLY A 243 9.34 -31.06 1.77
CA GLY A 243 8.39 -30.28 2.54
C GLY A 243 8.46 -30.49 4.03
N LYS A 244 9.54 -31.05 4.54
CA LYS A 244 9.64 -31.41 5.95
C LYS A 244 10.24 -30.25 6.72
N TYR A 245 9.49 -29.77 7.71
CA TYR A 245 9.96 -28.79 8.68
C TYR A 245 9.58 -29.28 10.06
N ALA A 246 10.21 -28.69 11.08
CA ALA A 246 9.96 -29.12 12.44
C ALA A 246 10.04 -27.92 13.38
N PHE A 247 9.27 -28.00 14.46
CA PHE A 247 9.41 -27.07 15.58
C PHE A 247 10.32 -27.67 16.66
N ASP A 248 11.49 -28.15 16.26
CA ASP A 248 12.39 -28.82 17.20
C ASP A 248 13.38 -27.87 17.86
N LEU A 249 13.62 -26.70 17.28
CA LEU A 249 14.56 -25.75 17.85
C LEU A 249 14.12 -25.38 19.26
N PRO A 250 15.06 -25.17 20.18
CA PRO A 250 14.67 -24.99 21.59
C PRO A 250 13.72 -23.82 21.82
N GLN A 251 13.66 -22.86 20.91
CA GLN A 251 12.88 -21.65 21.14
C GLN A 251 11.39 -21.80 20.85
N TRP A 252 10.97 -22.92 20.26
CA TRP A 252 9.56 -23.10 19.93
C TRP A 252 8.73 -23.59 21.12
N ARG A 253 9.36 -24.13 22.16
CA ARG A 253 8.59 -24.64 23.30
C ARG A 253 7.78 -23.52 23.95
N THR A 254 8.33 -22.32 24.02
CA THR A 254 7.63 -21.20 24.64
C THR A 254 6.50 -20.66 23.79
N ILE A 255 6.54 -20.87 22.48
CA ILE A 255 5.59 -20.25 21.56
C ILE A 255 4.24 -20.96 21.64
N SER A 256 3.18 -20.21 21.33
CA SER A 256 1.82 -20.67 21.54
C SER A 256 1.43 -21.75 20.53
N ASP A 257 0.37 -22.49 20.87
CA ASP A 257 -0.13 -23.51 19.98
C ASP A 257 -0.92 -22.93 18.80
N ASP A 258 -1.58 -21.79 19.00
CA ASP A 258 -2.31 -21.16 17.91
C ASP A 258 -1.36 -20.68 16.82
N ALA A 259 -0.20 -20.16 17.20
CA ALA A 259 0.80 -19.78 16.20
C ALA A 259 1.20 -20.98 15.37
N LYS A 260 1.47 -22.11 16.04
CA LYS A 260 1.84 -23.33 15.32
C LYS A 260 0.69 -23.84 14.44
N ASP A 261 -0.55 -23.63 14.87
CA ASP A 261 -1.69 -24.01 14.04
C ASP A 261 -1.71 -23.20 12.75
N LEU A 262 -1.49 -21.89 12.85
CA LEU A 262 -1.44 -21.04 11.66
C LEU A 262 -0.31 -21.47 10.74
N ILE A 263 0.89 -21.65 11.29
CA ILE A 263 2.03 -21.99 10.45
C ILE A 263 1.78 -23.32 9.73
N ARG A 264 1.19 -24.29 10.43
CA ARG A 264 0.93 -25.59 9.80
C ARG A 264 0.01 -25.42 8.59
N LYS A 265 -1.07 -24.64 8.75
CA LYS A 265 -2.00 -24.45 7.64
C LYS A 265 -1.38 -23.71 6.46
N MET A 266 -0.30 -22.95 6.69
CA MET A 266 0.34 -22.21 5.62
C MET A 266 1.41 -23.03 4.91
N LEU A 267 2.18 -23.83 5.66
CA LEU A 267 3.17 -24.72 5.06
C LEU A 267 2.58 -26.12 4.80
N THR A 268 1.42 -26.15 4.14
CA THR A 268 0.81 -27.39 3.69
C THR A 268 1.36 -27.71 2.31
N PHE A 269 1.83 -28.95 2.13
CA PHE A 269 2.52 -29.31 0.90
C PHE A 269 1.62 -29.14 -0.31
N HIS A 270 0.36 -29.57 -0.21
CA HIS A 270 -0.55 -29.54 -1.34
C HIS A 270 -1.30 -28.22 -1.38
N PRO A 271 -1.14 -27.40 -2.42
CA PRO A 271 -1.83 -26.11 -2.44
C PRO A 271 -3.34 -26.22 -2.31
N SER A 272 -3.95 -27.28 -2.85
CA SER A 272 -5.40 -27.42 -2.76
C SER A 272 -5.87 -27.52 -1.32
N LEU A 273 -5.00 -27.94 -0.40
CA LEU A 273 -5.34 -27.99 1.02
C LEU A 273 -4.79 -26.82 1.81
N ARG A 274 -3.82 -26.09 1.25
CA ARG A 274 -3.26 -24.93 1.92
C ARG A 274 -4.31 -23.81 1.99
N ILE A 275 -4.28 -23.08 3.10
CA ILE A 275 -5.31 -22.07 3.36
C ILE A 275 -5.01 -20.81 2.55
N THR A 276 -5.97 -19.89 2.51
CA THR A 276 -5.90 -18.70 1.70
C THR A 276 -5.32 -17.52 2.49
N ALA A 277 -4.98 -16.45 1.77
CA ALA A 277 -4.52 -15.23 2.43
C ALA A 277 -5.59 -14.69 3.36
N THR A 278 -6.84 -14.68 2.91
CA THR A 278 -7.94 -14.26 3.77
C THR A 278 -7.97 -15.08 5.06
N GLN A 279 -7.87 -16.40 4.93
CA GLN A 279 -7.89 -17.25 6.12
C GLN A 279 -6.73 -16.90 7.04
N CYS A 280 -5.56 -16.59 6.47
CA CYS A 280 -4.43 -16.19 7.28
C CYS A 280 -4.75 -14.95 8.10
N LEU A 281 -5.43 -13.97 7.49
CA LEU A 281 -5.74 -12.73 8.18
C LEU A 281 -6.76 -12.94 9.28
N GLU A 282 -7.71 -13.85 9.06
CA GLU A 282 -8.78 -14.09 10.02
C GLU A 282 -8.43 -15.10 11.09
N HIS A 283 -7.23 -15.67 11.06
CA HIS A 283 -6.87 -16.70 12.01
C HIS A 283 -6.96 -16.14 13.43
N PRO A 284 -7.44 -16.94 14.40
CA PRO A 284 -7.61 -16.40 15.76
C PRO A 284 -6.33 -15.81 16.32
N TRP A 285 -5.18 -16.42 16.03
CA TRP A 285 -3.90 -15.89 16.50
C TRP A 285 -3.74 -14.43 16.12
N ILE A 286 -4.09 -14.09 14.87
CA ILE A 286 -3.99 -12.70 14.44
C ILE A 286 -4.93 -11.82 15.26
N GLN A 287 -6.18 -12.26 15.42
CA GLN A 287 -7.15 -11.45 16.13
C GLN A 287 -6.76 -11.24 17.58
N LYS A 288 -5.98 -12.16 18.16
CA LYS A 288 -5.54 -11.98 19.54
C LYS A 288 -4.64 -10.77 19.69
N TYR A 289 -3.69 -10.59 18.77
CA TYR A 289 -2.74 -9.49 18.83
C TYR A 289 -3.07 -8.38 17.86
N SER A 290 -4.23 -8.45 17.20
CA SER A 290 -4.68 -7.43 16.25
C SER A 290 -5.97 -6.85 16.79
N SER A 291 -5.86 -5.87 17.68
CA SER A 291 -7.03 -5.27 18.30
C SER A 291 -6.87 -3.78 18.49
N GLU A 292 -6.01 -3.14 17.70
CA GLU A 292 -5.89 -1.69 17.75
C GLU A 292 -7.26 -1.05 17.74
N THR A 293 -7.61 -0.38 18.83
CA THR A 293 -8.95 0.16 19.00
C THR A 293 -8.87 1.57 19.56
N PRO A 294 -9.81 2.44 19.20
CA PRO A 294 -9.71 3.84 19.60
C PRO A 294 -9.68 4.04 21.11
N THR A 295 -9.02 5.12 21.52
CA THR A 295 -8.88 5.49 22.92
C THR A 295 -9.16 6.98 23.06
N ILE A 296 -9.22 7.44 24.32
CA ILE A 296 -9.50 8.84 24.58
C ILE A 296 -8.40 9.76 24.06
N SER A 297 -7.18 9.24 23.92
CA SER A 297 -6.10 10.10 23.42
C SER A 297 -6.33 10.51 21.97
N ASP A 298 -7.07 9.70 21.21
CA ASP A 298 -7.27 9.98 19.79
C ASP A 298 -8.44 10.89 19.51
N LEU A 299 -9.22 11.26 20.52
CA LEU A 299 -10.39 12.11 20.29
C LEU A 299 -10.05 13.38 19.53
N PRO A 300 -8.95 14.09 19.83
CA PRO A 300 -8.67 15.33 19.08
C PRO A 300 -8.64 15.12 17.57
N SER A 301 -8.07 14.01 17.10
CA SER A 301 -7.97 13.75 15.67
C SER A 301 -9.23 13.12 15.11
N LEU A 302 -10.14 12.63 15.95
CA LEU A 302 -11.38 12.05 15.45
C LEU A 302 -12.45 13.11 15.22
N GLU A 303 -12.56 14.07 16.14
CA GLU A 303 -13.49 15.17 15.93
C GLU A 303 -13.10 15.97 14.68
N SER A 304 -11.80 16.22 14.51
CA SER A 304 -11.35 16.94 13.32
C SER A 304 -11.71 16.17 12.06
N ALA A 305 -11.45 14.86 12.08
CA ALA A 305 -11.81 14.04 10.94
C ALA A 305 -13.30 14.11 10.70
N MET A 306 -14.12 14.11 11.75
CA MET A 306 -15.57 14.14 11.53
C MET A 306 -16.04 15.44 10.89
N THR A 307 -15.50 16.58 11.34
CA THR A 307 -15.95 17.87 10.82
C THR A 307 -15.66 17.98 9.32
N ASN A 308 -14.46 17.59 8.91
CA ASN A 308 -14.11 17.68 7.49
C ASN A 308 -14.95 16.72 6.65
N ILE A 309 -15.37 15.61 7.24
CA ILE A 309 -16.19 14.65 6.50
C ILE A 309 -17.57 15.22 6.22
N ARG A 310 -18.15 15.94 7.19
CA ARG A 310 -19.46 16.54 6.98
C ARG A 310 -19.39 17.60 5.87
N GLN A 311 -18.42 18.50 5.97
CA GLN A 311 -18.26 19.52 4.94
C GLN A 311 -18.04 18.86 3.58
N PHE A 312 -17.35 17.73 3.55
CA PHE A 312 -17.14 17.00 2.30
C PHE A 312 -18.46 16.58 1.69
N GLN A 313 -19.35 16.00 2.50
CA GLN A 313 -20.63 15.53 1.99
C GLN A 313 -21.55 16.67 1.58
N ALA A 314 -21.36 17.86 2.14
CA ALA A 314 -22.20 18.99 1.80
C ALA A 314 -21.82 19.59 0.45
N GLU A 315 -20.52 19.65 0.15
CA GLU A 315 -20.06 20.28 -1.07
C GLU A 315 -20.50 19.49 -2.30
N LYS A 316 -20.76 20.22 -3.39
CA LYS A 316 -21.25 19.59 -4.61
C LYS A 316 -20.26 18.53 -5.09
N LYS A 317 -20.72 17.72 -6.04
CA LYS A 317 -19.89 16.65 -6.56
C LYS A 317 -18.61 17.20 -7.19
N LEU A 318 -18.71 18.33 -7.91
CA LEU A 318 -17.53 18.91 -8.52
C LEU A 318 -16.48 19.27 -7.48
N ALA A 319 -16.92 19.85 -6.36
CA ALA A 319 -15.98 20.19 -5.29
C ALA A 319 -15.32 18.94 -4.71
N GLN A 320 -16.11 17.89 -4.49
CA GLN A 320 -15.58 16.69 -3.85
C GLN A 320 -14.50 16.05 -4.71
N ALA A 321 -14.76 15.88 -6.01
CA ALA A 321 -13.83 15.17 -6.87
C ALA A 321 -12.49 15.91 -6.95
N ALA A 322 -12.53 17.24 -7.03
CA ALA A 322 -11.29 18.00 -7.03
C ALA A 322 -10.49 17.73 -5.76
N LEU A 323 -11.16 17.52 -4.64
CA LEU A 323 -10.46 17.25 -3.39
C LEU A 323 -9.85 15.86 -3.38
N LEU A 324 -10.58 14.84 -3.87
CA LEU A 324 -9.98 13.51 -3.96
C LEU A 324 -8.78 13.53 -4.88
N TYR A 325 -8.88 14.22 -6.01
CA TYR A 325 -7.78 14.22 -6.97
C TYR A 325 -6.49 14.70 -6.33
N MET A 326 -6.58 15.67 -5.42
CA MET A 326 -5.40 16.26 -4.80
C MET A 326 -4.96 15.49 -3.55
N ALA A 327 -5.90 14.86 -2.84
CA ALA A 327 -5.52 14.01 -1.73
C ALA A 327 -4.82 12.75 -2.20
N SER A 328 -5.18 12.25 -3.38
CA SER A 328 -4.69 10.96 -3.85
C SER A 328 -3.41 11.07 -4.69
N LYS A 329 -3.13 12.24 -5.26
CA LYS A 329 -1.98 12.39 -6.14
C LYS A 329 -0.90 13.33 -5.60
N LEU A 330 -1.27 14.27 -4.73
CA LEU A 330 -0.36 15.35 -4.36
C LEU A 330 -0.06 15.43 -2.86
N THR A 331 -0.40 14.39 -2.10
CA THR A 331 -0.12 14.38 -0.68
C THR A 331 0.99 13.39 -0.35
N THR A 332 1.58 13.56 0.82
CA THR A 332 2.66 12.71 1.32
C THR A 332 2.28 12.13 2.67
N LEU A 333 3.09 11.19 3.13
CA LEU A 333 2.78 10.47 4.37
C LEU A 333 2.77 11.39 5.57
N ASP A 334 3.75 12.30 5.67
CA ASP A 334 3.90 13.11 6.87
C ASP A 334 2.65 13.93 7.14
N GLU A 335 2.01 14.44 6.08
CA GLU A 335 0.77 15.18 6.25
C GLU A 335 -0.33 14.29 6.80
N THR A 336 -0.47 13.09 6.24
CA THR A 336 -1.51 12.15 6.62
C THR A 336 -1.09 11.26 7.79
N LYS A 337 0.03 11.57 8.44
CA LYS A 337 0.56 10.69 9.48
C LYS A 337 -0.43 10.53 10.63
N GLN A 338 -1.04 11.63 11.07
CA GLN A 338 -2.01 11.54 12.16
C GLN A 338 -3.22 10.74 11.74
N LEU A 339 -3.73 10.97 10.52
CA LEU A 339 -4.89 10.24 10.04
C LEU A 339 -4.57 8.79 9.68
N THR A 340 -3.28 8.42 9.62
CA THR A 340 -2.96 7.02 9.38
C THR A 340 -3.28 6.16 10.60
N GLU A 341 -2.94 6.65 11.80
CA GLU A 341 -3.25 5.90 13.01
C GLU A 341 -4.75 5.75 13.19
N ILE A 342 -5.51 6.82 12.95
CA ILE A 342 -6.97 6.73 13.06
C ILE A 342 -7.49 5.71 12.05
N PHE A 343 -6.96 5.72 10.83
CA PHE A 343 -7.36 4.75 9.82
C PHE A 343 -7.04 3.34 10.27
N ARG A 344 -5.90 3.16 10.94
CA ARG A 344 -5.48 1.81 11.35
C ARG A 344 -6.30 1.30 12.54
N LYS A 345 -6.74 2.21 13.43
CA LYS A 345 -7.55 1.80 14.57
C LYS A 345 -8.98 1.47 14.17
N LEU A 346 -9.52 2.20 13.19
CA LEU A 346 -10.87 1.93 12.70
C LEU A 346 -10.95 0.66 11.86
N ASP A 347 -9.80 0.06 11.52
CA ASP A 347 -9.74 -1.11 10.66
C ASP A 347 -9.72 -2.37 11.53
N THR A 348 -10.92 -2.76 11.98
CA THR A 348 -11.02 -3.85 12.94
C THR A 348 -10.53 -5.17 12.34
N ASN A 349 -10.97 -5.48 11.12
CA ASN A 349 -10.61 -6.74 10.48
C ASN A 349 -9.24 -6.69 9.82
N ASN A 350 -8.65 -5.51 9.69
CA ASN A 350 -7.28 -5.34 9.23
C ASN A 350 -7.09 -5.61 7.74
N ASP A 351 -8.18 -5.63 6.99
CA ASP A 351 -8.09 -5.83 5.55
C ASP A 351 -7.55 -4.61 4.82
N GLY A 352 -7.43 -3.47 5.49
CA GLY A 352 -6.91 -2.26 4.89
C GLY A 352 -7.96 -1.29 4.39
N MET A 353 -9.24 -1.59 4.57
CA MET A 353 -10.32 -0.76 4.05
C MET A 353 -11.37 -0.61 5.14
N LEU A 354 -12.07 0.52 5.11
CA LEU A 354 -13.14 0.80 6.07
C LEU A 354 -14.47 0.60 5.37
N ASP A 355 -15.30 -0.30 5.90
CA ASP A 355 -16.57 -0.63 5.26
C ASP A 355 -17.72 0.03 6.02
N ARG A 356 -18.94 -0.23 5.53
CA ARG A 356 -20.12 0.45 6.06
C ARG A 356 -20.29 0.19 7.54
N ASP A 357 -20.15 -1.07 7.96
CA ASP A 357 -20.30 -1.39 9.38
C ASP A 357 -19.16 -0.79 10.20
N GLU A 358 -17.92 -0.84 9.69
CA GLU A 358 -16.80 -0.33 10.47
C GLU A 358 -16.95 1.15 10.77
N LEU A 359 -17.59 1.89 9.87
CA LEU A 359 -17.82 3.32 10.11
C LEU A 359 -18.92 3.53 11.15
N VAL A 360 -19.95 2.69 11.14
CA VAL A 360 -21.01 2.79 12.12
C VAL A 360 -20.44 2.54 13.52
N ARG A 361 -19.62 1.50 13.65
CA ARG A 361 -19.06 1.16 14.96
C ARG A 361 -18.04 2.19 15.41
N GLY A 362 -17.24 2.72 14.48
CA GLY A 362 -16.32 3.78 14.83
C GLY A 362 -17.03 5.06 15.23
N TYR A 363 -18.19 5.34 14.61
CA TYR A 363 -18.97 6.51 15.00
C TYR A 363 -19.61 6.31 16.38
N HIS A 364 -20.11 5.10 16.65
CA HIS A 364 -20.70 4.84 17.96
C HIS A 364 -19.66 4.86 19.06
N GLU A 365 -18.46 4.33 18.78
CA GLU A 365 -17.38 4.34 19.76
C GLU A 365 -16.76 5.73 19.90
N PHE A 366 -16.73 6.52 18.82
CA PHE A 366 -16.30 7.90 18.94
C PHE A 366 -17.21 8.67 19.88
N MET A 367 -18.52 8.47 19.77
CA MET A 367 -19.45 9.12 20.69
C MET A 367 -19.25 8.62 22.11
N ARG A 368 -19.00 7.32 22.28
CA ARG A 368 -18.90 6.77 23.62
C ARG A 368 -17.70 7.33 24.37
N LEU A 369 -16.58 7.52 23.67
CA LEU A 369 -15.40 8.09 24.32
C LEU A 369 -15.64 9.52 24.77
N LYS A 370 -16.41 10.28 23.98
CA LYS A 370 -16.77 11.64 24.39
C LYS A 370 -17.69 11.61 25.61
N GLY A 371 -18.63 10.67 25.63
CA GLY A 371 -19.66 10.61 26.64
C GLY A 371 -21.07 10.93 26.14
N VAL A 372 -21.30 10.88 24.83
CA VAL A 372 -22.57 11.28 24.24
C VAL A 372 -23.33 10.04 23.81
N ASP A 373 -24.62 10.01 24.10
CA ASP A 373 -25.46 8.86 23.80
C ASP A 373 -25.89 8.88 22.34
N SER A 374 -25.76 7.74 21.67
CA SER A 374 -26.19 7.61 20.27
C SER A 374 -27.21 6.49 20.11
N THR A 384 -30.39 8.77 11.91
CA THR A 384 -29.54 8.05 12.84
C THR A 384 -28.09 8.11 12.40
N ILE A 385 -27.19 7.55 13.23
CA ILE A 385 -25.81 7.35 12.78
C ILE A 385 -25.81 6.49 11.52
N GLU A 386 -26.64 5.45 11.51
CA GLU A 386 -26.68 4.55 10.36
C GLU A 386 -27.14 5.26 9.10
N ASP A 387 -28.16 6.11 9.20
CA ASP A 387 -28.66 6.84 8.04
C ASP A 387 -27.61 7.81 7.51
N GLN A 388 -26.90 8.51 8.40
CA GLN A 388 -25.86 9.42 7.97
C GLN A 388 -24.81 8.69 7.14
N ILE A 389 -24.37 7.53 7.62
CA ILE A 389 -23.28 6.81 6.96
C ILE A 389 -23.75 6.26 5.62
N ASP A 390 -24.97 5.72 5.55
CA ASP A 390 -25.45 5.19 4.27
C ASP A 390 -25.59 6.31 3.25
N SER A 391 -26.03 7.49 3.67
CA SER A 391 -26.02 8.64 2.78
C SER A 391 -24.60 9.07 2.44
N LEU A 392 -23.65 8.81 3.36
CA LEU A 392 -22.24 9.20 3.17
C LEU A 392 -21.47 8.16 2.35
N MET A 393 -21.85 6.89 2.37
CA MET A 393 -21.02 5.91 1.68
C MET A 393 -20.88 6.19 0.19
N PRO A 394 -21.95 6.45 -0.56
CA PRO A 394 -21.78 6.75 -2.00
C PRO A 394 -20.90 7.97 -2.23
N LEU A 395 -20.90 8.93 -1.31
CA LEU A 395 -20.19 10.18 -1.54
C LEU A 395 -18.69 10.05 -1.33
N LEU A 396 -18.24 9.12 -0.48
CA LEU A 396 -16.79 8.94 -0.18
C LEU A 396 -16.21 7.82 -1.05
N ASP A 397 -16.97 6.77 -1.35
CA ASP A 397 -16.55 5.64 -2.18
C ASP A 397 -16.75 6.05 -3.64
N MET A 398 -15.94 7.02 -4.07
CA MET A 398 -16.06 7.56 -5.41
C MET A 398 -15.77 6.52 -6.48
N ASP A 399 -14.99 5.49 -6.15
CA ASP A 399 -14.69 4.42 -7.10
C ASP A 399 -15.74 3.32 -7.11
N GLY A 400 -16.67 3.32 -6.15
CA GLY A 400 -17.67 2.26 -6.09
C GLY A 400 -17.11 0.93 -5.65
N SER A 401 -16.04 0.93 -4.87
CA SER A 401 -15.35 -0.30 -4.51
C SER A 401 -16.06 -1.10 -3.42
N GLY A 402 -17.10 -0.55 -2.80
CA GLY A 402 -17.73 -1.18 -1.68
C GLY A 402 -17.15 -0.82 -0.33
N SER A 403 -16.08 -0.04 -0.30
CA SER A 403 -15.52 0.41 0.97
C SER A 403 -14.64 1.63 0.69
N ILE A 404 -14.37 2.37 1.77
CA ILE A 404 -13.56 3.57 1.69
C ILE A 404 -12.09 3.16 1.79
N GLU A 405 -11.33 3.42 0.74
CA GLU A 405 -9.89 3.20 0.79
C GLU A 405 -9.21 4.41 1.44
N TYR A 406 -7.92 4.25 1.72
CA TYR A 406 -7.20 5.26 2.51
C TYR A 406 -7.22 6.62 1.82
N SER A 407 -7.01 6.64 0.50
CA SER A 407 -6.95 7.90 -0.21
C SER A 407 -8.27 8.66 -0.08
N GLU A 408 -9.39 7.96 -0.22
CA GLU A 408 -10.69 8.61 -0.05
C GLU A 408 -10.90 9.05 1.39
N PHE A 409 -10.36 8.30 2.36
CA PHE A 409 -10.45 8.71 3.75
C PHE A 409 -9.71 10.02 3.99
N ILE A 410 -8.50 10.14 3.43
CA ILE A 410 -7.73 11.37 3.59
C ILE A 410 -8.47 12.53 2.94
N ALA A 411 -8.99 12.32 1.73
CA ALA A 411 -9.63 13.40 1.00
C ALA A 411 -10.80 13.99 1.77
N SER A 412 -11.43 13.18 2.64
CA SER A 412 -12.60 13.64 3.39
C SER A 412 -12.29 14.00 4.82
N ALA A 413 -11.15 13.56 5.36
CA ALA A 413 -10.83 13.74 6.77
C ALA A 413 -9.71 14.75 7.00
N ILE A 414 -9.12 15.31 5.94
CA ILE A 414 -8.00 16.23 6.07
C ILE A 414 -8.53 17.67 5.99
N ASP A 415 -7.80 18.59 6.62
CA ASP A 415 -8.12 20.01 6.49
C ASP A 415 -7.91 20.47 5.06
N ARG A 416 -8.96 21.04 4.46
CA ARG A 416 -8.83 21.51 3.08
C ARG A 416 -7.68 22.52 2.95
N THR A 417 -7.37 23.23 4.04
CA THR A 417 -6.31 24.24 3.99
C THR A 417 -4.99 23.63 3.55
N ILE A 418 -4.72 22.37 3.91
CA ILE A 418 -3.46 21.73 3.55
C ILE A 418 -3.41 21.47 2.05
N LEU A 419 -4.54 21.09 1.46
CA LEU A 419 -4.59 20.80 0.03
C LEU A 419 -4.59 22.04 -0.83
N LEU A 420 -4.87 23.21 -0.25
CA LEU A 420 -4.99 24.44 -1.00
C LEU A 420 -3.69 25.24 -1.07
N SER A 421 -2.56 24.64 -0.69
CA SER A 421 -1.29 25.35 -0.76
C SER A 421 -1.01 25.78 -2.20
N ARG A 422 -0.33 26.92 -2.34
CA ARG A 422 -0.15 27.48 -3.67
C ARG A 422 0.62 26.55 -4.58
N GLU A 423 1.67 25.91 -4.06
CA GLU A 423 2.45 24.99 -4.89
C GLU A 423 1.62 23.78 -5.29
N ARG A 424 0.76 23.29 -4.39
CA ARG A 424 -0.10 22.16 -4.75
C ARG A 424 -1.01 22.51 -5.91
N MET A 425 -1.63 23.69 -5.87
CA MET A 425 -2.52 24.11 -6.95
C MET A 425 -1.74 24.43 -8.21
N GLU A 426 -0.50 24.92 -8.08
CA GLU A 426 0.34 25.11 -9.27
C GLU A 426 0.54 23.79 -10.00
N ARG A 427 0.89 22.72 -9.26
CA ARG A 427 1.11 21.43 -9.88
C ARG A 427 -0.18 20.88 -10.50
N ALA A 428 -1.30 20.99 -9.78
CA ALA A 428 -2.56 20.48 -10.30
C ALA A 428 -2.96 21.18 -11.59
N PHE A 429 -2.82 22.51 -11.63
CA PHE A 429 -3.15 23.25 -12.83
C PHE A 429 -2.26 22.84 -14.00
N LYS A 430 -0.96 22.68 -13.75
CA LYS A 430 -0.04 22.33 -14.82
C LYS A 430 -0.32 20.93 -15.37
N MET A 431 -0.83 20.02 -14.53
CA MET A 431 -1.17 18.69 -15.03
C MET A 431 -2.24 18.78 -16.12
N PHE A 432 -3.26 19.61 -15.90
CA PHE A 432 -4.40 19.64 -16.81
C PHE A 432 -4.06 20.32 -18.13
N ASP A 433 -3.20 21.35 -18.09
CA ASP A 433 -2.84 22.09 -19.29
C ASP A 433 -1.81 21.28 -20.08
N LYS A 434 -2.33 20.34 -20.87
CA LYS A 434 -1.46 19.56 -21.75
C LYS A 434 -0.79 20.46 -22.78
N ASP A 435 -1.52 21.44 -23.30
CA ASP A 435 -0.94 22.36 -24.28
C ASP A 435 0.14 23.23 -23.65
N GLY A 436 -0.01 23.60 -22.38
CA GLY A 436 0.91 24.53 -21.77
C GLY A 436 0.71 25.96 -22.20
N SER A 437 -0.46 26.28 -22.76
CA SER A 437 -0.73 27.64 -23.22
C SER A 437 -0.69 28.63 -22.07
N GLY A 438 -1.24 28.25 -20.92
CA GLY A 438 -1.39 29.17 -19.81
C GLY A 438 -2.84 29.23 -19.38
N LYS A 439 -3.72 28.76 -20.26
CA LYS A 439 -5.15 28.66 -19.98
C LYS A 439 -5.59 27.24 -20.28
N ILE A 440 -6.35 26.65 -19.36
CA ILE A 440 -6.87 25.29 -19.53
C ILE A 440 -8.27 25.36 -20.12
N SER A 441 -8.48 24.64 -21.21
CA SER A 441 -9.79 24.61 -21.84
C SER A 441 -10.80 23.89 -20.94
N THR A 442 -12.09 24.11 -21.23
CA THR A 442 -13.13 23.50 -20.42
C THR A 442 -13.02 21.98 -20.44
N LYS A 443 -12.77 21.40 -21.61
CA LYS A 443 -12.58 19.96 -21.70
C LYS A 443 -11.21 19.54 -21.17
N GLU A 444 -10.22 20.45 -21.19
CA GLU A 444 -8.92 20.13 -20.61
C GLU A 444 -9.01 19.87 -19.12
N LEU A 445 -10.16 20.09 -18.49
CA LEU A 445 -10.35 19.79 -17.07
C LEU A 445 -10.90 18.37 -16.95
N PHE A 446 -10.02 17.44 -16.58
CA PHE A 446 -10.40 16.07 -16.28
C PHE A 446 -10.20 15.76 -14.79
N LYS A 447 -10.37 16.76 -13.94
CA LYS A 447 -10.27 16.54 -12.50
C LYS A 447 -11.34 15.56 -12.02
N LEU A 448 -12.53 15.63 -12.62
CA LEU A 448 -13.62 14.73 -12.28
C LEU A 448 -13.16 13.27 -12.26
N GLU A 475 -11.43 29.43 -21.63
CA GLU A 475 -10.06 29.45 -21.11
C GLU A 475 -10.05 29.94 -19.67
N VAL A 476 -9.22 29.32 -18.84
CA VAL A 476 -9.14 29.65 -17.41
C VAL A 476 -7.67 29.86 -17.07
N ASP A 477 -7.36 31.03 -16.52
CA ASP A 477 -6.01 31.33 -16.04
C ASP A 477 -5.74 30.60 -14.73
N PHE A 478 -4.47 30.59 -14.33
CA PHE A 478 -4.13 29.97 -13.05
C PHE A 478 -4.82 30.68 -11.89
N ASN A 479 -4.86 32.02 -11.93
CA ASN A 479 -5.50 32.78 -10.86
C ASN A 479 -7.01 32.59 -10.86
N GLU A 480 -7.62 32.41 -12.03
CA GLU A 480 -9.02 31.99 -12.07
C GLU A 480 -9.18 30.57 -11.55
N PHE A 481 -8.17 29.73 -11.76
CA PHE A 481 -8.21 28.35 -11.26
C PHE A 481 -8.12 28.30 -9.75
N VAL A 482 -7.30 29.18 -9.14
CA VAL A 482 -7.16 29.17 -7.70
C VAL A 482 -8.49 29.53 -7.04
N GLU A 483 -9.17 30.55 -7.54
CA GLU A 483 -10.46 30.94 -6.97
C GLU A 483 -11.48 29.80 -7.10
N MET A 484 -11.43 29.06 -8.21
CA MET A 484 -12.42 28.02 -8.44
C MET A 484 -12.32 26.93 -7.37
N LEU A 485 -11.09 26.53 -7.01
CA LEU A 485 -10.93 25.51 -5.98
C LEU A 485 -11.48 25.99 -4.64
N GLN A 486 -11.24 27.25 -4.30
CA GLN A 486 -11.75 27.84 -3.06
C GLN A 486 -13.15 28.43 -3.28
#